data_2RKM
#
_entry.id   2RKM
#
_cell.length_a   110.470
_cell.length_b   77.150
_cell.length_c   71.590
_cell.angle_alpha   90.00
_cell.angle_beta   90.00
_cell.angle_gamma   90.00
#
_symmetry.space_group_name_H-M   'P 21 21 21'
#
loop_
_entity.id
_entity.type
_entity.pdbx_description
1 polymer 'OLIGO-PEPTIDE BINDING PROTEIN'
2 non-polymer LYSINE
3 non-polymer 'URANYL (VI) ION'
4 water water
#
_entity_poly.entity_id   1
_entity_poly.type   'polypeptide(L)'
_entity_poly.pdbx_seq_one_letter_code
;ADVPAGVQLADKQTLVRNNGSEVQSLDPHKIEGVPESNVSRDLFEGLLISDVEGHPSPGVAEKWENKDFKVWTFHLRENA
KWSDGTPVTAHDFVYSWQRLADPNTASPYASYLQYGHIANIDDIIAGKKPATDLGVKALDDHTFEVTLSEPVPYFYKLLV
HPSVSPVPKSAVEKFGDKWTQPANIVTNGAYKLKNWVVNERIVLERNPQYWDNAKTVINQVTYLPISSEVTDVNRYRSGE
IDMTYNNMPIELFQKLKKEIPNEVRVDPYLCTYYYEINNQKAPFNDVRVRTALKLALDRDIIVNKVKNQGDLPAYSYTPP
YTDGAKLVEPEWFKWSQQKRNEEAKKLLAEAGFTADKPLTFDLLYNTSDLHKKLAIAVASIWKKNLGVNVNLENQEWKTF
LDTRHQGTFDVARAGWCADYNEPTSFLNTMLSDSSNNTAHYKSPAFDKLIADTLKVADDTQRSELYAKAEQQLDKDSAIV
PVYYYVNARLVKPWVGGYTGKDPLDNIYVKNLYIIKH
;
_entity_poly.pdbx_strand_id   A
#
# COMPACT_ATOMS: atom_id res chain seq x y z
N ALA A 1 17.95 -3.93 -15.79
CA ALA A 1 19.05 -3.33 -14.98
C ALA A 1 20.07 -2.63 -15.87
N ASP A 2 20.56 -1.49 -15.40
CA ASP A 2 21.58 -0.72 -16.11
C ASP A 2 22.87 -0.79 -15.28
N VAL A 3 23.72 -1.75 -15.61
CA VAL A 3 24.97 -1.93 -14.87
C VAL A 3 26.01 -0.92 -15.31
N PRO A 4 26.50 -0.11 -14.39
CA PRO A 4 27.50 0.92 -14.62
C PRO A 4 28.79 0.36 -15.20
N ALA A 5 29.39 1.12 -16.11
CA ALA A 5 30.64 0.72 -16.75
C ALA A 5 31.71 0.49 -15.70
N GLY A 6 32.47 -0.58 -15.82
CA GLY A 6 33.53 -0.85 -14.85
C GLY A 6 33.13 -1.77 -13.71
N VAL A 7 31.83 -1.92 -13.45
CA VAL A 7 31.37 -2.79 -12.37
C VAL A 7 31.58 -4.24 -12.75
N GLN A 8 32.13 -5.04 -11.83
CA GLN A 8 32.30 -6.46 -12.09
C GLN A 8 31.13 -7.25 -11.48
N LEU A 9 30.45 -8.06 -12.27
CA LEU A 9 29.31 -8.83 -11.78
C LEU A 9 29.72 -10.19 -11.22
N ALA A 10 29.01 -10.62 -10.19
CA ALA A 10 29.27 -11.93 -9.59
C ALA A 10 28.86 -13.00 -10.59
N ASP A 11 29.49 -14.17 -10.51
CA ASP A 11 29.13 -15.28 -11.39
C ASP A 11 27.69 -15.71 -11.15
N LYS A 12 27.32 -15.83 -9.88
CA LYS A 12 25.97 -16.25 -9.49
C LYS A 12 25.09 -15.04 -9.20
N GLN A 13 24.08 -14.84 -10.03
CA GLN A 13 23.17 -13.70 -9.89
C GLN A 13 21.86 -14.11 -9.24
N THR A 14 21.89 -14.28 -7.92
CA THR A 14 20.73 -14.66 -7.14
C THR A 14 20.54 -13.68 -5.98
N LEU A 15 19.29 -13.48 -5.58
CA LEU A 15 18.92 -12.53 -4.54
C LEU A 15 17.92 -13.11 -3.55
N VAL A 16 18.05 -12.77 -2.28
CA VAL A 16 17.12 -13.21 -1.24
C VAL A 16 16.59 -11.97 -0.50
N ARG A 17 15.28 -11.78 -0.52
CA ARG A 17 14.64 -10.64 0.13
C ARG A 17 13.65 -11.09 1.20
N ASN A 18 13.59 -10.42 2.35
CA ASN A 18 12.55 -10.77 3.33
C ASN A 18 11.29 -9.97 2.93
N ASN A 19 10.11 -10.56 3.10
CA ASN A 19 8.87 -9.91 2.67
C ASN A 19 7.84 -9.68 3.77
N GLY A 20 8.24 -9.71 5.04
CA GLY A 20 7.41 -9.43 6.18
C GLY A 20 6.40 -10.43 6.65
N SER A 21 5.73 -11.15 5.77
CA SER A 21 4.71 -12.12 6.10
C SER A 21 4.33 -12.97 4.89
N GLU A 22 3.48 -13.96 5.09
CA GLU A 22 2.99 -14.78 3.98
C GLU A 22 1.99 -13.94 3.18
N VAL A 23 2.06 -13.93 1.86
CA VAL A 23 1.15 -13.11 1.07
C VAL A 23 -0.29 -13.61 1.14
N GLN A 24 -1.22 -12.67 0.92
CA GLN A 24 -2.63 -13.01 0.85
C GLN A 24 -2.89 -13.94 -0.35
N SER A 25 -2.22 -13.59 -1.46
CA SER A 25 -2.45 -14.26 -2.74
C SER A 25 -1.43 -13.80 -3.77
N LEU A 26 -1.35 -14.49 -4.91
CA LEU A 26 -0.53 -14.06 -6.04
C LEU A 26 -1.44 -13.54 -7.17
N ASP A 27 -2.76 -13.60 -6.95
CA ASP A 27 -3.71 -13.07 -7.96
C ASP A 27 -3.83 -11.57 -7.79
N PRO A 28 -3.52 -10.78 -8.81
CA PRO A 28 -3.57 -9.33 -8.77
C PRO A 28 -4.89 -8.73 -8.34
N HIS A 29 -6.02 -9.41 -8.53
CA HIS A 29 -7.32 -8.91 -8.14
C HIS A 29 -7.75 -9.32 -6.74
N LYS A 30 -6.93 -10.08 -6.01
CA LYS A 30 -7.26 -10.50 -4.65
C LYS A 30 -6.29 -9.96 -3.60
N ILE A 31 -5.49 -8.95 -3.93
CA ILE A 31 -4.47 -8.44 -3.00
C ILE A 31 -4.68 -6.99 -2.60
N GLU A 32 -4.14 -6.60 -1.44
CA GLU A 32 -4.26 -5.20 -1.00
C GLU A 32 -3.04 -4.66 -0.29
N GLY A 33 -2.04 -5.49 0.05
CA GLY A 33 -0.92 -4.95 0.82
C GLY A 33 0.44 -4.83 0.19
N VAL A 34 1.40 -4.30 0.97
CA VAL A 34 2.79 -4.13 0.56
C VAL A 34 3.50 -5.41 0.20
N PRO A 35 3.45 -6.43 1.04
CA PRO A 35 4.07 -7.73 0.78
C PRO A 35 3.56 -8.34 -0.52
N GLU A 36 2.25 -8.27 -0.74
CA GLU A 36 1.63 -8.79 -1.96
C GLU A 36 2.12 -8.04 -3.20
N SER A 37 2.19 -6.71 -3.12
CA SER A 37 2.63 -5.87 -4.25
C SER A 37 4.10 -6.06 -4.58
N ASN A 38 4.94 -6.36 -3.58
CA ASN A 38 6.37 -6.62 -3.79
C ASN A 38 6.59 -7.80 -4.73
N VAL A 39 5.84 -8.89 -4.55
CA VAL A 39 5.99 -10.05 -5.44
C VAL A 39 5.27 -9.79 -6.77
N SER A 40 4.10 -9.13 -6.71
CA SER A 40 3.34 -8.85 -7.94
C SER A 40 4.13 -8.07 -8.97
N ARG A 41 4.91 -7.05 -8.58
CA ARG A 41 5.68 -6.27 -9.56
C ARG A 41 6.66 -7.12 -10.36
N ASP A 42 7.20 -8.22 -9.83
CA ASP A 42 8.11 -9.07 -10.55
C ASP A 42 7.41 -10.04 -11.51
N LEU A 43 6.15 -10.36 -11.25
CA LEU A 43 5.41 -11.34 -12.04
C LEU A 43 4.44 -10.76 -13.06
N PHE A 44 3.74 -9.68 -12.74
CA PHE A 44 2.73 -9.14 -13.68
C PHE A 44 3.02 -7.68 -14.02
N GLU A 45 2.97 -7.34 -15.30
CA GLU A 45 3.26 -5.99 -15.76
C GLU A 45 2.07 -5.34 -16.46
N GLY A 46 1.66 -4.18 -15.94
CA GLY A 46 0.53 -3.44 -16.49
C GLY A 46 0.95 -2.49 -17.62
N LEU A 47 0.11 -1.49 -17.90
CA LEU A 47 0.35 -0.57 -19.00
C LEU A 47 1.63 0.25 -18.81
N LEU A 48 1.81 0.78 -17.61
CA LEU A 48 3.00 1.54 -17.24
C LEU A 48 3.67 0.86 -16.04
N ILE A 49 4.94 1.17 -15.81
CA ILE A 49 5.68 0.67 -14.66
C ILE A 49 6.45 1.87 -14.06
N SER A 50 6.94 1.76 -12.83
CA SER A 50 7.75 2.83 -12.26
C SER A 50 9.20 2.62 -12.70
N ASP A 51 9.95 3.68 -12.98
CA ASP A 51 11.37 3.43 -13.31
C ASP A 51 12.13 3.31 -11.99
N VAL A 52 13.48 3.28 -12.00
CA VAL A 52 14.21 3.14 -10.74
C VAL A 52 14.09 4.32 -9.79
N GLU A 53 13.60 5.48 -10.20
CA GLU A 53 13.42 6.61 -9.31
C GLU A 53 11.95 6.86 -8.98
N GLY A 54 11.04 6.03 -9.49
CA GLY A 54 9.63 6.16 -9.19
C GLY A 54 8.77 6.84 -10.24
N HIS A 55 9.37 7.28 -11.33
CA HIS A 55 8.57 7.97 -12.36
C HIS A 55 7.74 6.98 -13.18
N PRO A 56 6.50 7.33 -13.45
CA PRO A 56 5.60 6.54 -14.29
C PRO A 56 6.28 6.39 -15.65
N SER A 57 6.40 5.20 -16.19
CA SER A 57 7.13 4.96 -17.44
C SER A 57 6.50 3.83 -18.23
N PRO A 58 6.93 3.61 -19.46
CA PRO A 58 6.40 2.58 -20.32
C PRO A 58 6.50 1.18 -19.74
N GLY A 59 5.38 0.46 -19.80
CA GLY A 59 5.29 -0.94 -19.38
C GLY A 59 4.94 -1.76 -20.63
N VAL A 60 3.75 -2.39 -20.64
CA VAL A 60 3.32 -3.07 -21.87
C VAL A 60 3.03 -2.01 -22.94
N ALA A 61 2.50 -0.86 -22.51
CA ALA A 61 2.25 0.25 -23.41
C ALA A 61 3.56 1.00 -23.70
N GLU A 62 3.90 1.18 -24.97
CA GLU A 62 5.14 1.90 -25.29
C GLU A 62 4.90 3.38 -25.47
N LYS A 63 3.66 3.77 -25.77
CA LYS A 63 3.28 5.16 -25.91
C LYS A 63 1.77 5.33 -25.70
N TRP A 64 1.35 6.52 -25.32
CA TRP A 64 -0.05 6.81 -25.05
C TRP A 64 -0.40 8.28 -25.23
N GLU A 65 -1.69 8.56 -25.47
CA GLU A 65 -2.19 9.90 -25.67
C GLU A 65 -3.52 10.07 -24.93
N ASN A 66 -3.96 11.31 -24.71
CA ASN A 66 -5.25 11.55 -24.10
C ASN A 66 -6.01 12.66 -24.84
N LYS A 67 -7.33 12.57 -24.81
CA LYS A 67 -8.20 13.61 -25.35
C LYS A 67 -8.98 14.21 -24.18
N ASP A 68 -8.71 15.47 -23.85
CA ASP A 68 -9.39 16.19 -22.79
C ASP A 68 -9.33 15.53 -21.41
N PHE A 69 -8.30 14.71 -21.16
CA PHE A 69 -8.14 13.96 -19.93
C PHE A 69 -9.25 12.95 -19.68
N LYS A 70 -10.07 12.62 -20.68
CA LYS A 70 -11.21 11.74 -20.57
C LYS A 70 -11.08 10.45 -21.39
N VAL A 71 -10.46 10.51 -22.57
CA VAL A 71 -10.27 9.30 -23.37
C VAL A 71 -8.77 9.06 -23.51
N TRP A 72 -8.32 7.95 -22.98
CA TRP A 72 -6.90 7.59 -22.95
C TRP A 72 -6.58 6.41 -23.86
N THR A 73 -5.69 6.59 -24.82
CA THR A 73 -5.33 5.55 -25.78
C THR A 73 -3.89 5.06 -25.62
N PHE A 74 -3.76 3.76 -25.35
CA PHE A 74 -2.47 3.11 -25.12
C PHE A 74 -2.03 2.19 -26.26
N HIS A 75 -0.82 2.45 -26.76
CA HIS A 75 -0.23 1.65 -27.84
C HIS A 75 0.71 0.60 -27.28
N LEU A 76 0.28 -0.67 -27.30
CA LEU A 76 1.05 -1.77 -26.73
C LEU A 76 2.16 -2.27 -27.65
N ARG A 77 3.35 -2.52 -27.08
CA ARG A 77 4.48 -2.99 -27.87
C ARG A 77 4.21 -4.36 -28.49
N GLU A 78 4.61 -4.54 -29.75
CA GLU A 78 4.37 -5.77 -30.49
C GLU A 78 5.01 -7.02 -29.92
N ASN A 79 6.14 -6.92 -29.25
CA ASN A 79 6.79 -8.09 -28.67
C ASN A 79 6.46 -8.39 -27.21
N ALA A 80 5.41 -7.79 -26.64
CA ALA A 80 5.04 -8.14 -25.27
C ALA A 80 4.52 -9.57 -25.28
N LYS A 81 5.05 -10.43 -24.40
CA LYS A 81 4.64 -11.83 -24.35
C LYS A 81 4.48 -12.36 -22.93
N TRP A 82 3.65 -13.37 -22.77
CA TRP A 82 3.43 -14.11 -21.56
C TRP A 82 4.53 -15.17 -21.42
N SER A 83 4.66 -15.83 -20.26
CA SER A 83 5.71 -16.83 -20.06
C SER A 83 5.56 -18.09 -20.90
N ASP A 84 4.40 -18.33 -21.48
CA ASP A 84 4.18 -19.48 -22.35
C ASP A 84 4.44 -19.14 -23.82
N GLY A 85 4.92 -17.93 -24.11
CA GLY A 85 5.23 -17.50 -25.45
C GLY A 85 4.11 -16.81 -26.21
N THR A 86 2.90 -16.77 -25.66
CA THR A 86 1.79 -16.12 -26.35
C THR A 86 1.85 -14.61 -26.12
N PRO A 87 1.42 -13.85 -27.12
CA PRO A 87 1.42 -12.40 -27.08
C PRO A 87 0.52 -11.80 -26.01
N VAL A 88 0.94 -10.68 -25.45
CA VAL A 88 0.09 -9.91 -24.52
C VAL A 88 -0.70 -8.96 -25.42
N THR A 89 -2.03 -8.95 -25.34
CA THR A 89 -2.81 -8.08 -26.24
C THR A 89 -3.69 -7.11 -25.48
N ALA A 90 -4.35 -6.19 -26.20
CA ALA A 90 -5.33 -5.30 -25.57
C ALA A 90 -6.53 -6.07 -25.05
N HIS A 91 -6.85 -7.22 -25.63
CA HIS A 91 -7.93 -8.07 -25.16
C HIS A 91 -7.63 -8.60 -23.76
N ASP A 92 -6.36 -8.83 -23.42
CA ASP A 92 -6.01 -9.25 -22.06
C ASP A 92 -6.38 -8.15 -21.05
N PHE A 93 -6.15 -6.88 -21.40
CA PHE A 93 -6.46 -5.78 -20.50
C PHE A 93 -7.97 -5.57 -20.38
N VAL A 94 -8.74 -5.76 -21.45
CA VAL A 94 -10.19 -5.63 -21.39
C VAL A 94 -10.76 -6.66 -20.42
N TYR A 95 -10.37 -7.92 -20.60
CA TYR A 95 -10.81 -8.99 -19.72
C TYR A 95 -10.42 -8.69 -18.28
N SER A 96 -9.17 -8.32 -18.05
CA SER A 96 -8.66 -8.11 -16.69
C SER A 96 -9.36 -6.99 -15.95
N TRP A 97 -9.54 -5.81 -16.56
CA TRP A 97 -10.22 -4.72 -15.86
C TRP A 97 -11.69 -5.06 -15.64
N GLN A 98 -12.32 -5.85 -16.54
CA GLN A 98 -13.70 -6.27 -16.30
C GLN A 98 -13.76 -7.18 -15.08
N ARG A 99 -12.82 -8.11 -14.94
CA ARG A 99 -12.78 -9.03 -13.80
C ARG A 99 -12.58 -8.25 -12.49
N LEU A 100 -11.75 -7.22 -12.52
CA LEU A 100 -11.56 -6.37 -11.35
C LEU A 100 -12.86 -5.68 -10.92
N ALA A 101 -13.64 -5.19 -11.88
CA ALA A 101 -14.88 -4.48 -11.65
C ALA A 101 -16.04 -5.35 -11.18
N ASP A 102 -16.08 -6.59 -11.64
CA ASP A 102 -17.16 -7.53 -11.32
C ASP A 102 -17.24 -7.84 -9.84
N PRO A 103 -18.40 -7.59 -9.24
CA PRO A 103 -18.66 -7.85 -7.84
C PRO A 103 -18.47 -9.29 -7.43
N ASN A 104 -18.61 -10.25 -8.33
CA ASN A 104 -18.37 -11.66 -8.03
C ASN A 104 -16.90 -11.94 -7.71
N THR A 105 -15.99 -11.10 -8.20
CA THR A 105 -14.56 -11.22 -7.89
C THR A 105 -14.27 -10.74 -6.47
N ALA A 106 -15.09 -9.84 -5.94
CA ALA A 106 -14.95 -9.27 -4.61
C ALA A 106 -13.54 -8.78 -4.34
N SER A 107 -12.99 -7.99 -5.26
CA SER A 107 -11.63 -7.50 -5.05
C SER A 107 -11.65 -6.42 -3.99
N PRO A 108 -10.62 -6.40 -3.14
CA PRO A 108 -10.41 -5.34 -2.16
C PRO A 108 -10.09 -4.02 -2.85
N TYR A 109 -9.64 -4.06 -4.11
CA TYR A 109 -9.32 -2.90 -4.91
C TYR A 109 -10.32 -2.67 -6.04
N ALA A 110 -11.54 -3.19 -5.93
CA ALA A 110 -12.58 -2.89 -6.93
C ALA A 110 -12.77 -1.39 -7.11
N SER A 111 -12.70 -0.61 -6.03
CA SER A 111 -12.83 0.83 -6.05
C SER A 111 -11.70 1.57 -6.74
N TYR A 112 -10.60 0.94 -7.15
CA TYR A 112 -9.54 1.58 -7.89
C TYR A 112 -10.10 2.11 -9.21
N LEU A 113 -11.09 1.40 -9.77
CA LEU A 113 -11.72 1.84 -11.03
C LEU A 113 -12.64 3.03 -10.79
N GLN A 114 -13.11 3.23 -9.56
CA GLN A 114 -13.88 4.40 -9.17
C GLN A 114 -12.93 5.59 -8.96
N TYR A 115 -11.74 5.32 -8.43
CA TYR A 115 -10.76 6.39 -8.23
C TYR A 115 -10.30 7.01 -9.55
N GLY A 116 -10.22 6.20 -10.61
CA GLY A 116 -9.82 6.66 -11.93
C GLY A 116 -11.04 7.08 -12.77
N HIS A 117 -12.23 6.84 -12.25
CA HIS A 117 -13.50 7.21 -12.84
C HIS A 117 -13.77 6.57 -14.21
N ILE A 118 -13.51 5.29 -14.37
CA ILE A 118 -13.77 4.62 -15.65
C ILE A 118 -15.29 4.59 -15.86
N ALA A 119 -15.76 4.82 -17.08
CA ALA A 119 -17.20 4.85 -17.31
C ALA A 119 -17.92 3.59 -16.87
N ASN A 120 -19.09 3.79 -16.28
CA ASN A 120 -20.04 2.81 -15.78
C ASN A 120 -19.62 2.03 -14.55
N ILE A 121 -18.52 2.37 -13.87
CA ILE A 121 -18.06 1.60 -12.72
C ILE A 121 -19.03 1.54 -11.56
N ASP A 122 -19.68 2.63 -11.19
CA ASP A 122 -20.63 2.59 -10.06
C ASP A 122 -21.75 1.57 -10.28
N ASP A 123 -22.36 1.58 -11.45
CA ASP A 123 -23.44 0.66 -11.77
C ASP A 123 -22.98 -0.80 -11.80
N ILE A 124 -21.75 -1.05 -12.26
CA ILE A 124 -21.19 -2.39 -12.31
C ILE A 124 -20.94 -2.91 -10.90
N ILE A 125 -20.38 -2.07 -10.03
CA ILE A 125 -20.12 -2.46 -8.65
C ILE A 125 -21.43 -2.74 -7.92
N ALA A 126 -22.46 -1.95 -8.19
CA ALA A 126 -23.76 -2.13 -7.57
C ALA A 126 -24.59 -3.27 -8.13
N GLY A 127 -24.20 -3.89 -9.23
CA GLY A 127 -24.90 -5.01 -9.81
C GLY A 127 -26.00 -4.62 -10.80
N LYS A 128 -26.08 -3.34 -11.13
CA LYS A 128 -27.10 -2.83 -12.05
C LYS A 128 -26.74 -3.03 -13.51
N LYS A 129 -25.46 -3.21 -13.81
CA LYS A 129 -24.96 -3.43 -15.16
C LYS A 129 -23.88 -4.53 -15.09
N PRO A 130 -23.80 -5.32 -16.14
CA PRO A 130 -22.80 -6.36 -16.29
C PRO A 130 -21.41 -5.74 -16.42
N ALA A 131 -20.38 -6.48 -16.07
CA ALA A 131 -19.01 -5.98 -16.14
C ALA A 131 -18.55 -5.65 -17.55
N THR A 132 -19.15 -6.27 -18.57
CA THR A 132 -18.88 -5.98 -19.97
C THR A 132 -19.30 -4.59 -20.41
N ASP A 133 -20.01 -3.82 -19.60
CA ASP A 133 -20.39 -2.44 -19.89
C ASP A 133 -19.29 -1.46 -19.46
N LEU A 134 -18.20 -1.93 -18.86
CA LEU A 134 -17.12 -1.06 -18.39
C LEU A 134 -16.53 -0.26 -19.55
N GLY A 135 -16.18 0.99 -19.30
CA GLY A 135 -15.63 1.87 -20.33
C GLY A 135 -14.23 1.59 -20.83
N VAL A 136 -13.94 0.36 -21.27
CA VAL A 136 -12.66 -0.04 -21.83
C VAL A 136 -12.91 -0.80 -23.15
N LYS A 137 -12.01 -0.70 -24.12
CA LYS A 137 -12.17 -1.49 -25.34
C LYS A 137 -10.82 -1.72 -26.02
N ALA A 138 -10.74 -2.79 -26.78
CA ALA A 138 -9.53 -3.09 -27.56
C ALA A 138 -9.83 -2.65 -28.99
N LEU A 139 -9.13 -1.64 -29.48
CA LEU A 139 -9.39 -1.18 -30.86
C LEU A 139 -8.80 -2.14 -31.88
N ASP A 140 -7.76 -2.85 -31.49
CA ASP A 140 -7.10 -3.92 -32.22
C ASP A 140 -6.24 -4.70 -31.22
N ASP A 141 -5.45 -5.68 -31.66
CA ASP A 141 -4.67 -6.48 -30.72
C ASP A 141 -3.68 -5.66 -29.91
N HIS A 142 -3.22 -4.53 -30.43
CA HIS A 142 -2.22 -3.72 -29.74
C HIS A 142 -2.67 -2.34 -29.31
N THR A 143 -3.97 -2.09 -29.24
CA THR A 143 -4.43 -0.73 -28.89
C THR A 143 -5.55 -0.82 -27.86
N PHE A 144 -5.31 -0.32 -26.65
CA PHE A 144 -6.28 -0.35 -25.56
C PHE A 144 -6.80 1.05 -25.28
N GLU A 145 -8.13 1.24 -25.35
CA GLU A 145 -8.73 2.55 -25.15
C GLU A 145 -9.60 2.62 -23.91
N VAL A 146 -9.36 3.57 -23.01
CA VAL A 146 -10.11 3.74 -21.77
C VAL A 146 -10.91 5.04 -21.77
N THR A 147 -12.18 4.98 -21.41
CA THR A 147 -13.04 6.17 -21.38
C THR A 147 -13.49 6.50 -19.96
N LEU A 148 -13.24 7.73 -19.52
CA LEU A 148 -13.62 8.16 -18.18
C LEU A 148 -14.89 9.02 -18.17
N SER A 149 -15.56 9.10 -17.02
CA SER A 149 -16.78 9.89 -16.91
C SER A 149 -16.53 11.37 -16.63
N GLU A 150 -15.28 11.74 -16.36
CA GLU A 150 -14.90 13.14 -16.15
C GLU A 150 -13.38 13.24 -16.32
N PRO A 151 -12.88 14.43 -16.55
CA PRO A 151 -11.48 14.70 -16.77
C PRO A 151 -10.65 14.41 -15.53
N VAL A 152 -9.61 13.60 -15.71
CA VAL A 152 -8.68 13.21 -14.64
C VAL A 152 -7.26 13.35 -15.17
N PRO A 153 -6.62 14.50 -14.97
CA PRO A 153 -5.29 14.80 -15.46
C PRO A 153 -4.17 13.88 -14.99
N TYR A 154 -4.30 13.33 -13.80
CA TYR A 154 -3.33 12.40 -13.23
C TYR A 154 -3.65 10.94 -13.48
N PHE A 155 -4.63 10.60 -14.33
CA PHE A 155 -5.02 9.21 -14.55
C PHE A 155 -3.91 8.22 -14.79
N TYR A 156 -2.94 8.52 -15.66
CA TYR A 156 -1.87 7.60 -15.99
C TYR A 156 -0.99 7.24 -14.79
N LYS A 157 -0.90 8.11 -13.79
CA LYS A 157 -0.13 7.80 -12.59
C LYS A 157 -0.70 6.60 -11.85
N LEU A 158 -2.00 6.34 -11.93
CA LEU A 158 -2.61 5.20 -11.26
C LEU A 158 -2.17 3.84 -11.83
N LEU A 159 -1.78 3.78 -13.09
CA LEU A 159 -1.59 2.55 -13.83
C LEU A 159 -0.42 1.66 -13.50
N VAL A 160 0.42 2.01 -12.53
CA VAL A 160 1.52 1.15 -12.12
C VAL A 160 1.11 0.18 -11.02
N HIS A 161 -0.09 0.32 -10.47
CA HIS A 161 -0.61 -0.53 -9.39
C HIS A 161 -0.98 -1.91 -9.85
N PRO A 162 -0.76 -2.94 -9.03
CA PRO A 162 -1.02 -4.32 -9.34
C PRO A 162 -2.46 -4.68 -9.70
N SER A 163 -3.43 -3.97 -9.15
CA SER A 163 -4.85 -4.22 -9.44
C SER A 163 -5.17 -4.02 -10.91
N VAL A 164 -4.44 -3.19 -11.64
CA VAL A 164 -4.67 -2.98 -13.07
C VAL A 164 -3.66 -3.68 -13.97
N SER A 165 -3.00 -4.72 -13.46
CA SER A 165 -2.12 -5.59 -14.26
C SER A 165 -3.01 -6.65 -14.91
N PRO A 166 -2.57 -7.23 -16.01
CA PRO A 166 -3.30 -8.26 -16.71
C PRO A 166 -3.22 -9.63 -16.07
N VAL A 167 -4.26 -10.44 -16.22
CA VAL A 167 -4.27 -11.83 -15.74
C VAL A 167 -4.65 -12.69 -16.96
N PRO A 168 -4.13 -13.89 -17.03
CA PRO A 168 -4.32 -14.81 -18.14
C PRO A 168 -5.68 -15.51 -18.11
N LYS A 169 -6.62 -15.08 -18.96
CA LYS A 169 -7.95 -15.65 -18.99
C LYS A 169 -8.00 -17.18 -19.04
N SER A 170 -7.24 -17.79 -19.93
CA SER A 170 -7.28 -19.24 -20.09
C SER A 170 -6.90 -20.02 -18.84
N ALA A 171 -5.94 -19.53 -18.05
CA ALA A 171 -5.58 -20.21 -16.82
C ALA A 171 -6.63 -19.97 -15.73
N VAL A 172 -7.13 -18.74 -15.65
CA VAL A 172 -8.15 -18.39 -14.66
C VAL A 172 -9.40 -19.25 -14.86
N GLU A 173 -9.84 -19.34 -16.11
CA GLU A 173 -11.04 -20.13 -16.41
C GLU A 173 -10.86 -21.62 -16.25
N LYS A 174 -9.72 -22.17 -16.64
CA LYS A 174 -9.51 -23.61 -16.50
C LYS A 174 -9.23 -24.05 -15.08
N PHE A 175 -8.46 -23.30 -14.30
CA PHE A 175 -8.11 -23.74 -12.95
C PHE A 175 -8.77 -22.99 -11.81
N GLY A 176 -9.54 -21.95 -12.04
CA GLY A 176 -10.22 -21.23 -10.98
C GLY A 176 -9.24 -20.70 -9.95
N ASP A 177 -9.48 -20.94 -8.66
CA ASP A 177 -8.60 -20.47 -7.61
C ASP A 177 -7.26 -21.16 -7.51
N LYS A 178 -6.95 -22.14 -8.35
CA LYS A 178 -5.67 -22.80 -8.36
C LYS A 178 -4.81 -22.31 -9.53
N TRP A 179 -5.26 -21.27 -10.23
CA TRP A 179 -4.50 -20.75 -11.37
C TRP A 179 -3.13 -20.21 -11.01
N THR A 180 -2.90 -19.78 -9.77
CA THR A 180 -1.60 -19.25 -9.37
C THR A 180 -0.60 -20.30 -8.89
N GLN A 181 -0.95 -21.58 -8.88
CA GLN A 181 0.02 -22.62 -8.51
C GLN A 181 1.08 -22.68 -9.59
N PRO A 182 2.30 -23.01 -9.24
CA PRO A 182 3.43 -23.10 -10.14
C PRO A 182 3.17 -23.88 -11.41
N ALA A 183 2.48 -25.02 -11.34
CA ALA A 183 2.21 -25.81 -12.55
C ALA A 183 1.16 -25.20 -13.45
N ASN A 184 0.36 -24.24 -12.99
CA ASN A 184 -0.70 -23.65 -13.79
C ASN A 184 -0.50 -22.19 -14.19
N ILE A 185 0.23 -21.43 -13.39
CA ILE A 185 0.38 -19.99 -13.61
C ILE A 185 1.12 -19.60 -14.88
N VAL A 186 0.74 -18.46 -15.43
CA VAL A 186 1.30 -17.81 -16.61
C VAL A 186 1.49 -16.33 -16.27
N THR A 187 2.68 -15.77 -16.46
CA THR A 187 2.99 -14.40 -16.07
C THR A 187 3.63 -13.55 -17.18
N ASN A 188 3.60 -12.22 -17.10
CA ASN A 188 4.17 -11.40 -18.18
C ASN A 188 5.24 -10.41 -17.74
N GLY A 189 5.62 -10.50 -16.46
CA GLY A 189 6.68 -9.62 -15.94
C GLY A 189 8.05 -10.22 -16.22
N ALA A 190 9.10 -9.67 -15.59
CA ALA A 190 10.45 -10.17 -15.84
C ALA A 190 10.69 -11.56 -15.28
N TYR A 191 9.91 -12.03 -14.32
CA TYR A 191 10.08 -13.31 -13.66
C TYR A 191 8.88 -14.23 -13.80
N LYS A 192 9.09 -15.52 -13.53
CA LYS A 192 8.09 -16.57 -13.54
C LYS A 192 8.09 -17.25 -12.17
N LEU A 193 6.99 -17.90 -11.81
CA LEU A 193 6.97 -18.57 -10.51
C LEU A 193 7.59 -19.95 -10.61
N LYS A 194 8.64 -20.15 -9.81
CA LYS A 194 9.29 -21.46 -9.79
C LYS A 194 8.75 -22.34 -8.67
N ASN A 195 8.75 -21.85 -7.43
CA ASN A 195 8.33 -22.59 -6.27
C ASN A 195 7.54 -21.71 -5.29
N TRP A 196 6.61 -22.33 -4.58
CA TRP A 196 5.83 -21.60 -3.58
C TRP A 196 5.47 -22.55 -2.43
N VAL A 197 6.16 -22.41 -1.30
CA VAL A 197 5.88 -23.18 -0.11
C VAL A 197 5.31 -22.23 0.95
N VAL A 198 4.01 -22.38 1.25
CA VAL A 198 3.39 -21.50 2.24
C VAL A 198 4.13 -21.55 3.56
N ASN A 199 4.46 -20.36 4.07
CA ASN A 199 5.16 -20.12 5.31
C ASN A 199 6.64 -20.52 5.28
N GLU A 200 7.21 -20.70 4.09
CA GLU A 200 8.63 -20.99 3.95
C GLU A 200 9.29 -20.05 2.95
N ARG A 201 8.87 -20.14 1.69
CA ARG A 201 9.48 -19.30 0.67
C ARG A 201 8.69 -19.24 -0.63
N ILE A 202 8.95 -18.19 -1.40
CA ILE A 202 8.45 -18.02 -2.77
C ILE A 202 9.70 -17.86 -3.65
N VAL A 203 9.89 -18.70 -4.67
CA VAL A 203 11.08 -18.58 -5.51
C VAL A 203 10.69 -18.23 -6.94
N LEU A 204 11.25 -17.16 -7.49
CA LEU A 204 10.94 -16.77 -8.86
C LEU A 204 12.18 -16.96 -9.74
N GLU A 205 12.00 -17.24 -11.02
CA GLU A 205 13.12 -17.39 -11.94
C GLU A 205 12.88 -16.53 -13.18
N ARG A 206 13.96 -16.12 -13.82
CA ARG A 206 13.87 -15.27 -15.01
C ARG A 206 12.88 -15.82 -16.04
N ASN A 207 12.11 -14.92 -16.64
CA ASN A 207 11.16 -15.24 -17.70
C ASN A 207 11.79 -14.84 -19.03
N PRO A 208 12.25 -15.80 -19.81
CA PRO A 208 12.93 -15.59 -21.08
C PRO A 208 12.05 -14.95 -22.15
N GLN A 209 10.73 -15.01 -22.00
CA GLN A 209 9.80 -14.39 -22.94
C GLN A 209 9.53 -12.93 -22.65
N TYR A 210 9.96 -12.41 -21.49
CA TYR A 210 9.73 -11.00 -21.19
C TYR A 210 10.36 -10.13 -22.26
N TRP A 211 9.66 -9.12 -22.76
CA TRP A 211 10.16 -8.25 -23.82
C TRP A 211 11.49 -7.58 -23.52
N ASP A 212 11.76 -7.23 -22.26
CA ASP A 212 13.01 -6.57 -21.90
C ASP A 212 13.99 -7.51 -21.21
N ASN A 213 13.85 -8.81 -21.43
CA ASN A 213 14.69 -9.84 -20.84
C ASN A 213 16.17 -9.66 -21.06
N ALA A 214 16.61 -9.12 -22.20
CA ALA A 214 18.04 -8.92 -22.43
C ALA A 214 18.67 -8.03 -21.36
N LYS A 215 17.94 -7.11 -20.75
CA LYS A 215 18.45 -6.23 -19.72
C LYS A 215 18.28 -6.78 -18.30
N THR A 216 17.56 -7.88 -18.10
CA THR A 216 17.39 -8.49 -16.78
C THR A 216 18.73 -9.13 -16.38
N VAL A 217 19.14 -8.98 -15.12
CA VAL A 217 20.44 -9.54 -14.71
C VAL A 217 20.30 -10.65 -13.67
N ILE A 218 19.50 -10.41 -12.64
CA ILE A 218 19.25 -11.42 -11.60
C ILE A 218 18.46 -12.59 -12.20
N ASN A 219 18.97 -13.80 -12.02
CA ASN A 219 18.35 -15.00 -12.58
C ASN A 219 17.33 -15.64 -11.65
N GLN A 220 17.44 -15.40 -10.35
CA GLN A 220 16.53 -15.97 -9.37
C GLN A 220 16.41 -15.10 -8.13
N VAL A 221 15.18 -14.92 -7.64
CA VAL A 221 14.96 -14.14 -6.42
C VAL A 221 14.04 -14.93 -5.51
N THR A 222 14.36 -14.99 -4.21
CA THR A 222 13.54 -15.66 -3.22
C THR A 222 12.91 -14.64 -2.28
N TYR A 223 11.62 -14.77 -2.01
CA TYR A 223 10.92 -13.89 -1.05
C TYR A 223 10.59 -14.71 0.18
N LEU A 224 10.93 -14.28 1.39
CA LEU A 224 10.64 -14.98 2.64
C LEU A 224 9.54 -14.29 3.45
N PRO A 225 8.86 -15.00 4.33
CA PRO A 225 7.71 -14.57 5.12
C PRO A 225 7.96 -14.34 6.60
N ILE A 226 9.14 -13.80 6.92
CA ILE A 226 9.56 -13.62 8.33
C ILE A 226 8.95 -12.39 8.98
N SER A 227 8.09 -12.58 9.99
CA SER A 227 7.42 -11.46 10.63
C SER A 227 8.21 -10.89 11.81
N SER A 228 9.24 -11.58 12.30
CA SER A 228 10.03 -10.98 13.38
C SER A 228 11.12 -10.11 12.76
N GLU A 229 11.14 -8.83 13.11
CA GLU A 229 12.13 -7.90 12.55
C GLU A 229 13.53 -8.24 13.09
N VAL A 230 13.60 -8.77 14.31
CA VAL A 230 14.89 -9.21 14.85
C VAL A 230 15.45 -10.39 14.07
N THR A 231 14.61 -11.38 13.75
CA THR A 231 15.03 -12.56 13.00
C THR A 231 15.49 -12.20 11.58
N ASP A 232 14.78 -11.26 10.97
CA ASP A 232 15.15 -10.79 9.62
C ASP A 232 16.56 -10.20 9.68
N VAL A 233 16.80 -9.29 10.63
CA VAL A 233 18.14 -8.71 10.79
C VAL A 233 19.16 -9.80 11.09
N ASN A 234 18.87 -10.76 11.96
CA ASN A 234 19.84 -11.82 12.23
C ASN A 234 20.20 -12.62 10.98
N ARG A 235 19.23 -12.98 10.15
CA ARG A 235 19.48 -13.78 8.95
C ARG A 235 20.13 -12.97 7.84
N TYR A 236 19.97 -11.65 7.88
CA TYR A 236 20.68 -10.76 6.97
C TYR A 236 22.17 -10.76 7.36
N ARG A 237 22.45 -10.50 8.64
CA ARG A 237 23.85 -10.43 9.08
C ARG A 237 24.57 -11.77 9.05
N SER A 238 23.86 -12.90 9.08
CA SER A 238 24.51 -14.21 9.00
C SER A 238 24.91 -14.54 7.55
N GLY A 239 24.30 -13.83 6.59
CA GLY A 239 24.60 -13.99 5.19
C GLY A 239 23.48 -14.59 4.35
N GLU A 240 22.39 -15.02 4.97
CA GLU A 240 21.31 -15.64 4.19
C GLU A 240 20.51 -14.63 3.38
N ILE A 241 20.19 -13.49 3.99
CA ILE A 241 19.35 -12.47 3.37
C ILE A 241 20.13 -11.31 2.81
N ASP A 242 19.81 -10.87 1.57
CA ASP A 242 20.50 -9.76 0.95
C ASP A 242 19.80 -8.43 1.20
N MET A 243 18.47 -8.44 1.36
CA MET A 243 17.70 -7.23 1.60
C MET A 243 16.65 -7.49 2.66
N THR A 244 16.62 -6.79 3.80
CA THR A 244 15.57 -7.06 4.79
C THR A 244 14.24 -6.44 4.33
N TYR A 245 13.18 -6.75 5.06
CA TYR A 245 11.88 -6.08 4.83
C TYR A 245 12.06 -4.68 5.40
N ASN A 246 11.15 -3.74 5.13
CA ASN A 246 11.37 -2.38 5.61
C ASN A 246 10.62 -2.02 6.87
N ASN A 247 10.78 -2.88 7.87
CA ASN A 247 10.34 -2.70 9.24
C ASN A 247 11.58 -3.00 10.11
N MET A 248 12.11 -2.05 10.87
CA MET A 248 13.32 -2.30 11.66
C MET A 248 13.00 -2.51 13.14
N PRO A 249 13.72 -3.42 13.77
CA PRO A 249 13.50 -3.77 15.17
C PRO A 249 13.95 -2.70 16.15
N ILE A 250 13.11 -2.38 17.13
CA ILE A 250 13.47 -1.38 18.14
C ILE A 250 14.65 -1.85 18.97
N GLU A 251 14.77 -3.15 19.21
CA GLU A 251 15.88 -3.72 19.97
C GLU A 251 17.25 -3.44 19.37
N LEU A 252 17.39 -3.45 18.05
CA LEU A 252 18.68 -3.32 17.42
C LEU A 252 18.98 -2.10 16.56
N PHE A 253 18.00 -1.30 16.16
CA PHE A 253 18.24 -0.23 15.21
C PHE A 253 19.33 0.76 15.58
N GLN A 254 19.35 1.24 16.83
CA GLN A 254 20.38 2.21 17.21
C GLN A 254 21.78 1.64 17.01
N LYS A 255 22.01 0.41 17.44
CA LYS A 255 23.30 -0.25 17.27
C LYS A 255 23.66 -0.50 15.81
N LEU A 256 22.67 -0.87 15.00
CA LEU A 256 22.93 -1.11 13.58
C LEU A 256 23.44 0.15 12.89
N LYS A 257 22.88 1.32 13.23
CA LYS A 257 23.36 2.55 12.61
C LYS A 257 24.81 2.84 13.00
N LYS A 258 25.26 2.40 14.17
CA LYS A 258 26.66 2.61 14.53
C LYS A 258 27.58 1.56 13.93
N GLU A 259 27.12 0.32 13.75
CA GLU A 259 27.95 -0.76 13.24
C GLU A 259 28.08 -0.90 11.75
N ILE A 260 26.99 -0.68 11.01
CA ILE A 260 26.98 -0.80 9.55
C ILE A 260 26.19 0.31 8.89
N PRO A 261 26.59 1.55 9.11
CA PRO A 261 25.96 2.75 8.61
C PRO A 261 25.70 2.76 7.12
N ASN A 262 26.63 2.25 6.32
CA ASN A 262 26.45 2.23 4.87
C ASN A 262 25.38 1.22 4.43
N GLU A 263 25.00 0.26 5.24
CA GLU A 263 23.97 -0.70 4.88
C GLU A 263 22.58 -0.32 5.40
N VAL A 264 22.53 0.66 6.30
CA VAL A 264 21.27 1.13 6.86
C VAL A 264 20.72 2.21 5.94
N ARG A 265 19.69 1.88 5.16
CA ARG A 265 19.11 2.85 4.23
C ARG A 265 17.87 3.50 4.82
N VAL A 266 17.82 4.82 4.89
CA VAL A 266 16.66 5.54 5.43
C VAL A 266 16.27 6.65 4.47
N ASP A 267 15.09 6.56 3.84
CA ASP A 267 14.65 7.55 2.84
C ASP A 267 13.19 7.91 3.01
N PRO A 268 12.76 9.01 2.41
CA PRO A 268 11.40 9.50 2.47
C PRO A 268 10.42 8.44 1.99
N TYR A 269 9.22 8.37 2.54
CA TYR A 269 8.25 7.33 2.20
C TYR A 269 6.83 7.85 2.38
N LEU A 270 5.96 7.73 1.38
CA LEU A 270 4.61 8.28 1.48
C LEU A 270 3.60 7.36 2.13
N CYS A 271 3.76 7.15 3.44
CA CYS A 271 2.90 6.27 4.22
C CYS A 271 2.59 6.88 5.59
N THR A 272 1.44 6.56 6.15
CA THR A 272 1.06 7.07 7.47
C THR A 272 0.74 5.90 8.40
N TYR A 273 1.26 5.94 9.62
CA TYR A 273 0.97 4.92 10.63
C TYR A 273 -0.16 5.48 11.50
N TYR A 274 -1.22 4.70 11.75
CA TYR A 274 -2.30 5.23 12.58
C TYR A 274 -3.04 4.12 13.30
N TYR A 275 -3.91 4.50 14.25
CA TYR A 275 -4.78 3.51 14.87
C TYR A 275 -6.16 3.70 14.26
N GLU A 276 -6.61 2.68 13.56
CA GLU A 276 -7.91 2.62 12.89
C GLU A 276 -9.02 2.29 13.88
N ILE A 277 -10.00 3.20 13.98
CA ILE A 277 -11.14 2.99 14.87
C ILE A 277 -12.31 2.42 14.07
N ASN A 278 -13.01 1.44 14.61
CA ASN A 278 -14.19 0.91 13.91
C ASN A 278 -15.32 1.91 14.17
N ASN A 279 -15.58 2.80 13.22
CA ASN A 279 -16.56 3.86 13.43
C ASN A 279 -18.01 3.40 13.53
N GLN A 280 -18.37 2.18 13.15
CA GLN A 280 -19.75 1.74 13.21
C GLN A 280 -20.10 0.94 14.45
N LYS A 281 -19.19 0.79 15.40
CA LYS A 281 -19.45 -0.02 16.58
C LYS A 281 -19.40 0.77 17.88
N ALA A 282 -20.47 0.71 18.66
CA ALA A 282 -20.51 1.41 19.96
C ALA A 282 -19.47 0.76 20.86
N PRO A 283 -18.79 1.55 21.65
CA PRO A 283 -19.00 2.97 21.81
C PRO A 283 -18.18 3.89 20.91
N PHE A 284 -17.56 3.34 19.88
CA PHE A 284 -16.72 4.11 18.98
C PHE A 284 -17.47 4.91 17.95
N ASN A 285 -18.80 4.88 17.98
CA ASN A 285 -19.66 5.66 17.09
C ASN A 285 -19.98 7.01 17.73
N ASP A 286 -19.43 7.25 18.91
CA ASP A 286 -19.56 8.52 19.63
C ASP A 286 -18.30 9.33 19.40
N VAL A 287 -18.41 10.49 18.75
CA VAL A 287 -17.24 11.34 18.49
C VAL A 287 -16.47 11.74 19.72
N ARG A 288 -17.10 11.88 20.89
CA ARG A 288 -16.37 12.23 22.11
C ARG A 288 -15.36 11.14 22.47
N VAL A 289 -15.74 9.88 22.27
CA VAL A 289 -14.84 8.75 22.55
C VAL A 289 -13.70 8.73 21.55
N ARG A 290 -13.97 8.87 20.25
CA ARG A 290 -12.87 8.89 19.27
C ARG A 290 -11.91 10.05 19.51
N THR A 291 -12.43 11.24 19.80
CA THR A 291 -11.61 12.42 20.04
C THR A 291 -10.72 12.23 21.25
N ALA A 292 -11.24 11.65 22.34
CA ALA A 292 -10.44 11.42 23.54
C ALA A 292 -9.23 10.52 23.26
N LEU A 293 -9.43 9.44 22.53
CA LEU A 293 -8.33 8.53 22.17
C LEU A 293 -7.30 9.23 21.29
N LYS A 294 -7.77 10.02 20.31
CA LYS A 294 -6.88 10.74 19.41
C LYS A 294 -5.97 11.72 20.17
N LEU A 295 -6.56 12.51 21.07
CA LEU A 295 -5.82 13.51 21.82
C LEU A 295 -4.91 12.94 22.90
N ALA A 296 -5.34 11.91 23.61
CA ALA A 296 -4.57 11.35 24.72
C ALA A 296 -3.32 10.61 24.32
N LEU A 297 -3.20 10.19 23.06
CA LEU A 297 -1.98 9.52 22.61
C LEU A 297 -0.88 10.56 22.51
N ASP A 298 0.30 10.29 23.06
CA ASP A 298 1.41 11.22 23.04
C ASP A 298 2.39 10.84 21.94
N ARG A 299 2.29 11.52 20.80
CA ARG A 299 3.11 11.29 19.62
C ARG A 299 4.59 11.53 19.84
N ASP A 300 4.97 12.51 20.66
CA ASP A 300 6.39 12.75 20.94
C ASP A 300 7.01 11.52 21.60
N ILE A 301 6.37 10.97 22.61
CA ILE A 301 6.88 9.78 23.27
C ILE A 301 7.05 8.63 22.28
N ILE A 302 5.99 8.34 21.52
CA ILE A 302 6.04 7.23 20.56
C ILE A 302 7.14 7.39 19.53
N VAL A 303 7.16 8.53 18.86
CA VAL A 303 8.10 8.81 17.78
C VAL A 303 9.56 9.00 18.20
N ASN A 304 9.80 9.83 19.21
CA ASN A 304 11.16 10.14 19.62
C ASN A 304 11.75 9.25 20.69
N LYS A 305 10.91 8.81 21.61
CA LYS A 305 11.36 8.00 22.73
C LYS A 305 11.31 6.51 22.44
N VAL A 306 10.18 6.01 21.97
CA VAL A 306 10.03 4.57 21.72
C VAL A 306 10.67 4.05 20.45
N LYS A 307 10.32 4.61 19.30
CA LYS A 307 10.87 4.12 18.03
C LYS A 307 12.20 4.76 17.67
N ASN A 308 12.26 6.09 17.62
CA ASN A 308 13.50 6.81 17.34
C ASN A 308 14.23 6.40 16.07
N GLN A 309 13.49 6.35 14.95
CA GLN A 309 14.03 5.96 13.66
C GLN A 309 13.94 7.06 12.62
N GLY A 310 13.39 8.22 12.97
CA GLY A 310 13.33 9.34 12.03
C GLY A 310 11.92 9.67 11.55
N ASP A 311 10.92 8.96 12.05
CA ASP A 311 9.53 9.22 11.67
C ASP A 311 9.08 10.57 12.23
N LEU A 312 8.05 11.15 11.63
CA LEU A 312 7.53 12.46 12.03
C LEU A 312 6.13 12.36 12.63
N PRO A 313 5.87 13.02 13.74
CA PRO A 313 4.59 13.05 14.42
C PRO A 313 3.46 13.46 13.49
N ALA A 314 2.35 12.72 13.48
CA ALA A 314 1.27 13.00 12.53
C ALA A 314 0.01 13.62 13.08
N TYR A 315 -0.59 14.48 12.24
CA TYR A 315 -1.83 15.18 12.60
C TYR A 315 -2.91 15.02 11.53
N SER A 316 -2.62 14.23 10.49
CA SER A 316 -3.51 14.01 9.37
C SER A 316 -3.37 12.59 8.81
N TYR A 317 -4.20 12.23 7.83
CA TYR A 317 -4.13 10.92 7.16
C TYR A 317 -3.17 11.02 5.98
N THR A 318 -3.47 11.92 5.04
CA THR A 318 -2.56 12.14 3.89
C THR A 318 -1.27 12.76 4.41
N PRO A 319 -0.11 12.23 4.07
CA PRO A 319 1.17 12.82 4.47
C PRO A 319 1.27 14.20 3.85
N PRO A 320 1.75 15.20 4.58
CA PRO A 320 1.87 16.58 4.14
C PRO A 320 2.82 16.80 2.97
N TYR A 321 3.72 15.87 2.71
CA TYR A 321 4.68 16.01 1.61
C TYR A 321 4.24 15.28 0.34
N THR A 322 3.00 14.80 0.33
CA THR A 322 2.43 14.20 -0.89
C THR A 322 2.36 15.29 -1.95
N ASP A 323 2.57 14.99 -3.22
CA ASP A 323 2.49 15.94 -4.32
C ASP A 323 1.04 16.47 -4.39
N GLY A 324 0.82 17.74 -4.13
CA GLY A 324 -0.52 18.31 -4.14
C GLY A 324 -1.10 18.58 -2.76
N ALA A 325 -0.38 18.23 -1.69
CA ALA A 325 -0.88 18.44 -0.33
C ALA A 325 -0.43 19.80 0.22
N LYS A 326 -1.37 20.55 0.75
CA LYS A 326 -1.16 21.86 1.36
C LYS A 326 -2.13 21.94 2.55
N LEU A 327 -1.76 21.13 3.54
CA LEU A 327 -2.59 20.93 4.72
C LEU A 327 -2.44 21.93 5.84
N VAL A 328 -3.53 22.09 6.60
CA VAL A 328 -3.59 23.00 7.75
C VAL A 328 -3.52 22.19 9.05
N GLU A 329 -2.55 22.47 9.88
CA GLU A 329 -2.28 21.77 11.16
C GLU A 329 -3.34 22.16 12.17
N PRO A 330 -4.12 21.20 12.65
CA PRO A 330 -5.20 21.43 13.60
C PRO A 330 -4.65 22.05 14.87
N GLU A 331 -5.42 22.93 15.52
CA GLU A 331 -4.96 23.61 16.72
C GLU A 331 -4.68 22.66 17.88
N TRP A 332 -5.34 21.52 18.00
CA TRP A 332 -5.03 20.56 19.05
C TRP A 332 -3.62 20.03 19.00
N PHE A 333 -2.99 19.98 17.83
CA PHE A 333 -1.61 19.53 17.65
C PHE A 333 -0.59 20.51 18.24
N LYS A 334 -0.99 21.77 18.36
CA LYS A 334 -0.14 22.82 18.90
C LYS A 334 -0.19 22.94 20.41
N TRP A 335 -1.19 22.39 21.08
CA TRP A 335 -1.31 22.44 22.52
C TRP A 335 -0.22 21.66 23.24
N SER A 336 -0.21 21.71 24.57
CA SER A 336 0.74 20.87 25.29
C SER A 336 0.07 19.50 25.41
N GLN A 337 0.80 18.45 25.75
CA GLN A 337 0.15 17.15 25.95
C GLN A 337 -0.75 17.20 27.17
N GLN A 338 -0.40 17.98 28.19
CA GLN A 338 -1.25 18.14 29.37
C GLN A 338 -2.63 18.68 29.02
N LYS A 339 -2.68 19.70 28.17
CA LYS A 339 -3.94 20.29 27.73
C LYS A 339 -4.75 19.29 26.90
N ARG A 340 -4.05 18.50 26.07
CA ARG A 340 -4.74 17.46 25.31
C ARG A 340 -5.33 16.42 26.27
N ASN A 341 -4.56 16.06 27.30
CA ASN A 341 -5.04 15.07 28.28
C ASN A 341 -6.28 15.54 29.03
N GLU A 342 -6.32 16.80 29.45
CA GLU A 342 -7.49 17.31 30.16
C GLU A 342 -8.74 17.30 29.28
N GLU A 343 -8.58 17.75 28.03
CA GLU A 343 -9.69 17.75 27.09
C GLU A 343 -10.20 16.32 26.89
N ALA A 344 -9.30 15.36 26.71
CA ALA A 344 -9.67 13.97 26.55
C ALA A 344 -10.40 13.41 27.77
N LYS A 345 -9.90 13.65 28.99
CA LYS A 345 -10.59 13.12 30.17
C LYS A 345 -11.97 13.73 30.35
N LYS A 346 -12.12 15.02 30.07
CA LYS A 346 -13.40 15.72 30.14
C LYS A 346 -14.40 15.11 29.16
N LEU A 347 -13.97 14.81 27.93
CA LEU A 347 -14.84 14.20 26.94
C LEU A 347 -15.32 12.82 27.34
N LEU A 348 -14.44 11.99 27.91
CA LEU A 348 -14.85 10.67 28.37
C LEU A 348 -15.80 10.81 29.57
N ALA A 349 -15.55 11.79 30.44
CA ALA A 349 -16.43 12.04 31.57
C ALA A 349 -17.82 12.42 31.07
N GLU A 350 -17.91 13.27 30.05
CA GLU A 350 -19.17 13.65 29.43
C GLU A 350 -19.86 12.47 28.78
N ALA A 351 -19.10 11.52 28.22
CA ALA A 351 -19.66 10.33 27.60
C ALA A 351 -20.13 9.26 28.57
N GLY A 352 -19.97 9.43 29.88
CA GLY A 352 -20.45 8.49 30.86
C GLY A 352 -19.44 7.57 31.52
N PHE A 353 -18.16 7.68 31.19
CA PHE A 353 -17.17 6.81 31.81
C PHE A 353 -16.65 7.34 33.12
N THR A 354 -16.41 6.43 34.06
CA THR A 354 -15.94 6.75 35.40
C THR A 354 -14.83 5.82 35.86
N ALA A 355 -14.30 6.02 37.07
CA ALA A 355 -13.27 5.11 37.59
C ALA A 355 -13.83 3.71 37.81
N ASP A 356 -15.07 3.61 38.27
CA ASP A 356 -15.73 2.33 38.52
C ASP A 356 -16.23 1.69 37.23
N LYS A 357 -16.49 2.49 36.19
CA LYS A 357 -16.94 1.94 34.91
C LYS A 357 -16.18 2.58 33.76
N PRO A 358 -14.95 2.14 33.58
CA PRO A 358 -14.02 2.65 32.61
C PRO A 358 -14.27 2.14 31.20
N LEU A 359 -13.54 2.73 30.27
CA LEU A 359 -13.63 2.32 28.86
C LEU A 359 -12.60 1.20 28.65
N THR A 360 -13.06 0.05 28.22
CA THR A 360 -12.17 -1.09 28.00
C THR A 360 -12.43 -1.71 26.63
N PHE A 361 -11.36 -1.92 25.85
CA PHE A 361 -11.53 -2.46 24.49
C PHE A 361 -10.29 -3.15 23.95
N ASP A 362 -10.39 -3.73 22.76
CA ASP A 362 -9.28 -4.43 22.12
C ASP A 362 -8.43 -3.60 21.18
N LEU A 363 -7.15 -3.96 21.09
CA LEU A 363 -6.20 -3.33 20.18
C LEU A 363 -5.55 -4.45 19.36
N LEU A 364 -6.00 -4.57 18.12
CA LEU A 364 -5.55 -5.62 17.21
C LEU A 364 -4.39 -5.18 16.33
N TYR A 365 -3.42 -6.08 16.13
CA TYR A 365 -2.26 -5.77 15.28
C TYR A 365 -1.80 -7.03 14.56
N ASN A 366 -1.08 -6.88 13.45
CA ASN A 366 -0.56 -8.04 12.73
C ASN A 366 0.77 -8.46 13.37
N THR A 367 0.90 -9.76 13.62
CA THR A 367 2.09 -10.34 14.25
C THR A 367 3.39 -9.68 13.83
N SER A 368 4.09 -9.10 14.80
CA SER A 368 5.31 -8.35 14.54
C SER A 368 5.92 -7.87 15.86
N ASP A 369 7.25 -7.82 15.94
CA ASP A 369 7.91 -7.32 17.15
C ASP A 369 7.73 -5.80 17.23
N LEU A 370 7.90 -5.12 16.09
CA LEU A 370 7.69 -3.68 16.03
C LEU A 370 6.25 -3.29 16.36
N HIS A 371 5.24 -3.89 15.73
CA HIS A 371 3.87 -3.47 16.04
C HIS A 371 3.48 -3.80 17.48
N LYS A 372 4.00 -4.90 18.03
CA LYS A 372 3.73 -5.27 19.42
C LYS A 372 4.31 -4.22 20.39
N LYS A 373 5.58 -3.86 20.21
CA LYS A 373 6.20 -2.84 21.06
C LYS A 373 5.46 -1.51 20.97
N LEU A 374 5.06 -1.09 19.76
CA LEU A 374 4.30 0.15 19.63
C LEU A 374 2.95 0.06 20.35
N ALA A 375 2.24 -1.05 20.21
CA ALA A 375 0.95 -1.22 20.86
C ALA A 375 1.05 -1.25 22.37
N ILE A 376 2.11 -1.86 22.91
CA ILE A 376 2.34 -1.87 24.36
C ILE A 376 2.52 -0.44 24.89
N ALA A 377 3.32 0.36 24.20
CA ALA A 377 3.55 1.75 24.57
C ALA A 377 2.26 2.55 24.53
N VAL A 378 1.45 2.38 23.48
CA VAL A 378 0.18 3.07 23.34
C VAL A 378 -0.78 2.68 24.45
N ALA A 379 -0.82 1.40 24.81
CA ALA A 379 -1.68 0.93 25.90
C ALA A 379 -1.31 1.59 27.22
N SER A 380 -0.02 1.70 27.49
CA SER A 380 0.49 2.32 28.71
C SER A 380 0.19 3.81 28.74
N ILE A 381 0.41 4.49 27.61
CA ILE A 381 0.12 5.92 27.52
C ILE A 381 -1.35 6.22 27.73
N TRP A 382 -2.23 5.44 27.10
CA TRP A 382 -3.67 5.64 27.24
C TRP A 382 -4.12 5.34 28.66
N LYS A 383 -3.48 4.38 29.33
CA LYS A 383 -3.86 4.06 30.71
C LYS A 383 -3.48 5.21 31.64
N LYS A 384 -2.27 5.73 31.52
CA LYS A 384 -1.77 6.80 32.38
C LYS A 384 -2.41 8.16 32.12
N ASN A 385 -2.60 8.52 30.87
CA ASN A 385 -3.11 9.82 30.49
C ASN A 385 -4.63 9.92 30.53
N LEU A 386 -5.27 8.79 30.29
CA LEU A 386 -6.74 8.80 30.18
C LEU A 386 -7.49 7.76 30.98
N GLY A 387 -6.84 6.81 31.65
CA GLY A 387 -7.55 5.81 32.43
C GLY A 387 -8.32 4.76 31.64
N VAL A 388 -7.92 4.46 30.41
CA VAL A 388 -8.58 3.43 29.62
C VAL A 388 -7.76 2.15 29.61
N ASN A 389 -8.44 1.01 29.56
CA ASN A 389 -7.79 -0.29 29.57
C ASN A 389 -7.92 -0.96 28.21
N VAL A 390 -6.81 -1.51 27.69
CA VAL A 390 -6.89 -2.18 26.39
C VAL A 390 -6.29 -3.59 26.48
N ASN A 391 -6.85 -4.47 25.67
CA ASN A 391 -6.42 -5.85 25.54
C ASN A 391 -5.76 -6.04 24.17
N LEU A 392 -4.44 -6.30 24.16
CA LEU A 392 -3.75 -6.47 22.88
C LEU A 392 -4.03 -7.83 22.26
N GLU A 393 -4.19 -7.89 20.94
CA GLU A 393 -4.41 -9.15 20.23
C GLU A 393 -3.57 -9.19 18.95
N ASN A 394 -2.85 -10.27 18.67
CA ASN A 394 -2.11 -10.36 17.41
C ASN A 394 -2.78 -11.34 16.45
N GLN A 395 -2.73 -11.08 15.15
CA GLN A 395 -3.27 -12.01 14.14
C GLN A 395 -2.32 -12.07 12.94
N GLU A 396 -2.26 -13.20 12.24
CA GLU A 396 -1.44 -13.29 11.03
C GLU A 396 -1.91 -12.30 9.97
N TRP A 397 -0.98 -11.82 9.14
CA TRP A 397 -1.27 -10.80 8.14
C TRP A 397 -2.55 -11.02 7.35
N LYS A 398 -2.72 -12.16 6.67
CA LYS A 398 -3.92 -12.40 5.86
C LYS A 398 -5.19 -12.39 6.70
N THR A 399 -5.17 -12.99 7.88
CA THR A 399 -6.32 -13.00 8.78
C THR A 399 -6.64 -11.60 9.31
N PHE A 400 -5.62 -10.81 9.62
CA PHE A 400 -5.75 -9.45 10.11
C PHE A 400 -6.49 -8.52 9.13
N LEU A 401 -6.14 -8.62 7.85
CA LEU A 401 -6.82 -7.81 6.84
C LEU A 401 -8.29 -8.23 6.74
N ASP A 402 -8.59 -9.53 6.77
CA ASP A 402 -9.95 -10.02 6.71
C ASP A 402 -10.78 -9.51 7.90
N THR A 403 -10.22 -9.54 9.11
CA THR A 403 -10.91 -9.03 10.30
C THR A 403 -11.27 -7.56 10.15
N ARG A 404 -10.35 -6.75 9.64
CA ARG A 404 -10.63 -5.32 9.45
C ARG A 404 -11.73 -5.09 8.42
N HIS A 405 -11.78 -5.87 7.35
CA HIS A 405 -12.85 -5.72 6.37
C HIS A 405 -14.20 -6.14 6.94
N GLN A 406 -14.19 -7.20 7.76
CA GLN A 406 -15.44 -7.65 8.36
C GLN A 406 -16.00 -6.73 9.41
N GLY A 407 -15.17 -5.93 10.07
CA GLY A 407 -15.64 -5.09 11.16
C GLY A 407 -15.63 -5.95 12.42
N THR A 408 -14.75 -6.95 12.45
CA THR A 408 -14.59 -7.86 13.57
C THR A 408 -13.67 -7.28 14.65
N PHE A 409 -13.76 -5.97 14.91
CA PHE A 409 -12.86 -5.33 15.85
C PHE A 409 -13.32 -4.04 16.50
N ASP A 410 -12.47 -3.54 17.39
CA ASP A 410 -12.65 -2.30 18.13
C ASP A 410 -11.68 -1.26 17.57
N VAL A 411 -10.39 -1.40 17.87
CA VAL A 411 -9.34 -0.54 17.37
C VAL A 411 -8.23 -1.42 16.78
N ALA A 412 -7.61 -1.01 15.69
CA ALA A 412 -6.55 -1.77 15.07
C ALA A 412 -5.36 -0.94 14.60
N ARG A 413 -4.18 -1.56 14.69
CA ARG A 413 -2.96 -0.95 14.15
C ARG A 413 -3.21 -0.81 12.65
N ALA A 414 -2.66 0.21 12.01
CA ALA A 414 -2.87 0.38 10.57
C ALA A 414 -1.78 1.21 9.91
N GLY A 415 -1.66 1.00 8.60
CA GLY A 415 -0.78 1.81 7.78
C GLY A 415 -1.45 1.96 6.40
N TRP A 416 -1.17 3.05 5.71
CA TRP A 416 -1.62 3.19 4.33
C TRP A 416 -0.42 3.81 3.57
N CYS A 417 0.00 3.21 2.47
CA CYS A 417 1.07 3.77 1.65
C CYS A 417 0.46 4.15 0.28
N ALA A 418 0.84 5.30 -0.25
CA ALA A 418 0.31 5.75 -1.53
C ALA A 418 0.50 4.73 -2.65
N ASP A 419 -0.49 4.68 -3.55
CA ASP A 419 -0.44 3.84 -4.73
C ASP A 419 -0.02 4.71 -5.92
N TYR A 420 -0.30 6.00 -5.82
CA TYR A 420 0.11 7.01 -6.78
C TYR A 420 0.34 8.29 -5.98
N ASN A 421 1.24 9.14 -6.42
CA ASN A 421 1.56 10.35 -5.64
C ASN A 421 0.65 11.54 -5.89
N GLU A 422 -0.50 11.52 -5.22
CA GLU A 422 -1.55 12.53 -5.31
C GLU A 422 -2.46 12.30 -4.12
N PRO A 423 -2.96 13.33 -3.46
CA PRO A 423 -3.75 13.23 -2.25
C PRO A 423 -4.94 12.29 -2.30
N THR A 424 -5.61 12.14 -3.44
CA THR A 424 -6.73 11.21 -3.53
C THR A 424 -6.33 9.75 -3.35
N SER A 425 -5.06 9.37 -3.53
CA SER A 425 -4.62 8.01 -3.28
C SER A 425 -4.91 7.61 -1.83
N PHE A 426 -4.80 8.59 -0.93
CA PHE A 426 -5.20 8.48 0.45
C PHE A 426 -6.68 8.78 0.67
N LEU A 427 -7.15 9.98 0.31
CA LEU A 427 -8.51 10.42 0.59
C LEU A 427 -9.63 9.55 0.04
N ASN A 428 -9.46 8.93 -1.13
CA ASN A 428 -10.47 8.07 -1.72
C ASN A 428 -10.77 6.83 -0.88
N THR A 429 -9.83 6.42 -0.02
CA THR A 429 -10.04 5.27 0.84
C THR A 429 -10.96 5.57 2.02
N MET A 430 -11.35 6.81 2.27
CA MET A 430 -12.29 7.11 3.35
C MET A 430 -13.69 7.42 2.81
N LEU A 431 -13.88 7.29 1.50
CA LEU A 431 -15.19 7.52 0.89
C LEU A 431 -16.16 6.49 1.42
N SER A 432 -17.43 6.84 1.64
CA SER A 432 -18.42 5.92 2.21
C SER A 432 -18.43 4.53 1.60
N ASP A 433 -18.41 4.46 0.28
CA ASP A 433 -18.48 3.21 -0.45
C ASP A 433 -17.16 2.62 -0.92
N SER A 434 -16.01 3.08 -0.45
CA SER A 434 -14.74 2.54 -0.93
C SER A 434 -14.49 1.12 -0.47
N SER A 435 -14.02 0.25 -1.35
CA SER A 435 -13.66 -1.12 -1.02
C SER A 435 -12.44 -1.17 -0.10
N ASN A 436 -11.66 -0.09 -0.02
CA ASN A 436 -10.51 -0.01 0.86
C ASN A 436 -10.85 0.56 2.24
N ASN A 437 -12.10 0.96 2.45
CA ASN A 437 -12.49 1.62 3.70
C ASN A 437 -12.65 0.65 4.86
N THR A 438 -11.58 0.40 5.62
CA THR A 438 -11.67 -0.49 6.78
C THR A 438 -11.93 0.28 8.07
N ALA A 439 -12.07 1.60 7.99
CA ALA A 439 -12.42 2.41 9.16
C ALA A 439 -13.93 2.34 9.37
N HIS A 440 -14.65 1.93 8.32
CA HIS A 440 -16.12 1.87 8.31
C HIS A 440 -16.71 3.24 8.60
N TYR A 441 -16.08 4.27 8.03
CA TYR A 441 -16.46 5.66 8.20
C TYR A 441 -17.34 6.08 7.02
N LYS A 442 -18.45 6.74 7.34
CA LYS A 442 -19.37 7.19 6.31
C LYS A 442 -19.80 8.63 6.60
N SER A 443 -19.30 9.57 5.80
CA SER A 443 -19.64 10.97 5.98
C SER A 443 -20.02 11.60 4.64
N PRO A 444 -21.28 11.98 4.52
CA PRO A 444 -21.81 12.67 3.36
C PRO A 444 -21.04 13.95 3.10
N ALA A 445 -20.65 14.69 4.14
CA ALA A 445 -19.88 15.91 3.96
C ALA A 445 -18.49 15.61 3.41
N PHE A 446 -17.81 14.58 3.93
CA PHE A 446 -16.50 14.19 3.39
C PHE A 446 -16.63 13.76 1.93
N ASP A 447 -17.60 12.92 1.59
CA ASP A 447 -17.80 12.45 0.22
C ASP A 447 -17.99 13.60 -0.76
N LYS A 448 -18.79 14.61 -0.39
CA LYS A 448 -19.05 15.75 -1.27
C LYS A 448 -17.80 16.58 -1.54
N LEU A 449 -16.95 16.77 -0.53
CA LEU A 449 -15.72 17.54 -0.73
C LEU A 449 -14.84 16.87 -1.76
N ILE A 450 -14.71 15.54 -1.72
CA ILE A 450 -13.87 14.84 -2.69
C ILE A 450 -14.48 14.81 -4.08
N ALA A 451 -15.80 14.66 -4.19
CA ALA A 451 -16.48 14.66 -5.47
C ALA A 451 -16.27 16.00 -6.19
N ASP A 452 -16.22 17.10 -5.44
CA ASP A 452 -15.98 18.42 -6.00
C ASP A 452 -14.59 18.66 -6.55
N THR A 453 -13.57 17.88 -6.20
CA THR A 453 -12.22 18.07 -6.67
C THR A 453 -12.04 17.84 -8.16
N LEU A 454 -12.86 17.00 -8.79
CA LEU A 454 -12.73 16.77 -10.24
C LEU A 454 -13.85 17.47 -11.00
N LYS A 455 -14.54 18.39 -10.32
CA LYS A 455 -15.59 19.19 -10.93
C LYS A 455 -14.99 20.56 -11.28
N VAL A 456 -13.82 20.83 -10.72
CA VAL A 456 -13.05 22.03 -10.99
C VAL A 456 -11.89 21.62 -11.90
N ALA A 457 -11.39 22.54 -12.71
CA ALA A 457 -10.26 22.25 -13.59
C ALA A 457 -9.11 23.14 -13.11
N ASP A 458 -8.89 23.09 -11.80
CA ASP A 458 -7.90 23.94 -11.17
C ASP A 458 -7.26 23.34 -9.93
N ASP A 459 -5.94 23.46 -9.84
CA ASP A 459 -5.18 22.90 -8.73
C ASP A 459 -5.24 23.66 -7.42
N THR A 460 -5.44 24.97 -7.42
CA THR A 460 -5.51 25.68 -6.13
C THR A 460 -6.80 25.28 -5.43
N GLN A 461 -7.90 25.26 -6.17
CA GLN A 461 -9.19 24.84 -5.64
C GLN A 461 -9.14 23.38 -5.20
N ARG A 462 -8.47 22.55 -6.00
CA ARG A 462 -8.31 21.14 -5.70
C ARG A 462 -7.56 20.94 -4.37
N SER A 463 -6.43 21.62 -4.22
CA SER A 463 -5.63 21.50 -3.00
C SER A 463 -6.35 22.04 -1.77
N GLU A 464 -7.15 23.10 -1.96
CA GLU A 464 -7.91 23.67 -0.85
C GLU A 464 -9.01 22.71 -0.42
N LEU A 465 -9.65 22.00 -1.35
CA LEU A 465 -10.67 21.02 -1.04
C LEU A 465 -10.07 19.80 -0.33
N TYR A 466 -8.88 19.38 -0.74
CA TYR A 466 -8.21 18.26 -0.07
C TYR A 466 -7.94 18.65 1.40
N ALA A 467 -7.46 19.88 1.63
CA ALA A 467 -7.21 20.37 2.99
C ALA A 467 -8.50 20.38 3.81
N LYS A 468 -9.61 20.82 3.22
CA LYS A 468 -10.91 20.83 3.89
C LYS A 468 -11.39 19.41 4.17
N ALA A 469 -11.13 18.47 3.27
CA ALA A 469 -11.49 17.07 3.50
C ALA A 469 -10.72 16.50 4.69
N GLU A 470 -9.44 16.84 4.83
CA GLU A 470 -8.67 16.39 5.99
C GLU A 470 -9.24 17.04 7.25
N GLN A 471 -9.67 18.31 7.17
CA GLN A 471 -10.27 18.97 8.35
C GLN A 471 -11.56 18.28 8.75
N GLN A 472 -12.37 17.80 7.80
CA GLN A 472 -13.60 17.08 8.11
C GLN A 472 -13.31 15.76 8.81
N LEU A 473 -12.32 15.03 8.30
CA LEU A 473 -11.92 13.76 8.91
C LEU A 473 -11.44 13.97 10.34
N ASP A 474 -10.65 15.01 10.57
CA ASP A 474 -10.14 15.36 11.90
C ASP A 474 -11.25 15.78 12.85
N LYS A 475 -12.19 16.57 12.35
CA LYS A 475 -13.33 17.03 13.13
C LYS A 475 -14.13 15.86 13.69
N ASP A 476 -14.33 14.83 12.86
CA ASP A 476 -15.04 13.63 13.22
C ASP A 476 -14.16 12.61 13.95
N SER A 477 -12.85 12.83 14.03
CA SER A 477 -11.95 11.89 14.66
C SER A 477 -12.15 10.47 14.13
N ALA A 478 -12.11 10.37 12.79
CA ALA A 478 -12.28 9.08 12.13
C ALA A 478 -11.15 8.12 12.49
N ILE A 479 -9.94 8.65 12.61
CA ILE A 479 -8.76 7.85 12.94
C ILE A 479 -7.94 8.52 14.03
N VAL A 480 -6.89 7.81 14.44
CA VAL A 480 -5.91 8.33 15.36
C VAL A 480 -4.55 8.35 14.65
N PRO A 481 -4.17 9.45 14.04
CA PRO A 481 -2.89 9.60 13.37
C PRO A 481 -1.73 9.48 14.37
N VAL A 482 -0.70 8.73 13.98
CA VAL A 482 0.47 8.56 14.85
C VAL A 482 1.73 9.15 14.26
N TYR A 483 2.22 8.63 13.12
CA TYR A 483 3.41 9.19 12.49
C TYR A 483 3.45 9.02 10.97
N TYR A 484 4.20 9.88 10.31
CA TYR A 484 4.46 9.73 8.88
C TYR A 484 5.76 8.92 8.78
N TYR A 485 5.77 7.82 8.04
CA TYR A 485 6.91 6.94 7.93
C TYR A 485 8.16 7.48 7.21
N VAL A 486 9.27 6.87 7.60
CA VAL A 486 10.52 6.91 6.87
C VAL A 486 10.67 5.46 6.37
N ASN A 487 11.36 5.24 5.27
CA ASN A 487 11.56 3.88 4.74
C ASN A 487 12.94 3.39 5.21
N ALA A 488 12.97 2.57 6.26
CA ALA A 488 14.23 2.08 6.81
C ALA A 488 14.41 0.58 6.60
N ARG A 489 15.52 0.17 6.00
CA ARG A 489 15.80 -1.23 5.72
C ARG A 489 17.31 -1.46 5.61
N LEU A 490 17.74 -2.71 5.59
CA LEU A 490 19.17 -3.01 5.40
C LEU A 490 19.39 -3.59 4.00
N VAL A 491 20.42 -3.17 3.28
CA VAL A 491 20.74 -3.65 1.93
C VAL A 491 22.23 -3.98 1.82
N LYS A 492 22.62 -5.18 1.46
CA LYS A 492 24.06 -5.53 1.40
C LYS A 492 24.78 -4.65 0.39
N PRO A 493 26.08 -4.44 0.61
CA PRO A 493 26.92 -3.59 -0.22
C PRO A 493 27.04 -4.07 -1.66
N TRP A 494 26.84 -5.35 -1.91
CA TRP A 494 26.91 -5.94 -3.23
C TRP A 494 25.59 -5.93 -3.99
N VAL A 495 24.52 -5.37 -3.43
CA VAL A 495 23.27 -5.24 -4.18
C VAL A 495 23.23 -3.87 -4.84
N GLY A 496 23.33 -3.85 -6.17
CA GLY A 496 23.31 -2.60 -6.92
C GLY A 496 21.93 -2.32 -7.53
N GLY A 497 21.67 -1.04 -7.81
CA GLY A 497 20.42 -0.65 -8.43
C GLY A 497 19.34 -0.03 -7.58
N TYR A 498 19.48 -0.03 -6.26
CA TYR A 498 18.45 0.54 -5.38
C TYR A 498 18.84 1.95 -4.96
N THR A 499 18.13 2.94 -5.49
CA THR A 499 18.42 4.34 -5.29
C THR A 499 17.95 4.94 -3.98
N GLY A 500 16.77 4.57 -3.49
CA GLY A 500 16.18 5.14 -2.30
C GLY A 500 15.38 6.41 -2.64
N LYS A 501 15.35 6.78 -3.91
CA LYS A 501 14.69 7.99 -4.39
C LYS A 501 13.20 7.84 -4.63
N ASP A 502 12.67 6.62 -4.74
CA ASP A 502 11.24 6.49 -5.02
C ASP A 502 10.49 6.51 -3.70
N PRO A 503 9.68 7.54 -3.50
CA PRO A 503 8.88 7.71 -2.30
C PRO A 503 7.74 6.71 -2.19
N LEU A 504 7.46 5.95 -3.23
CA LEU A 504 6.46 4.88 -3.16
C LEU A 504 7.14 3.53 -2.95
N ASP A 505 8.45 3.44 -3.13
CA ASP A 505 9.22 2.23 -2.98
C ASP A 505 8.72 1.08 -3.87
N ASN A 506 8.51 1.39 -5.16
CA ASN A 506 8.07 0.34 -6.08
C ASN A 506 9.25 -0.36 -6.74
N ILE A 507 9.93 -1.23 -6.01
CA ILE A 507 11.09 -1.93 -6.54
C ILE A 507 10.73 -3.03 -7.52
N TYR A 508 11.54 -3.19 -8.56
CA TYR A 508 11.45 -4.27 -9.53
C TYR A 508 12.79 -5.03 -9.51
N VAL A 509 12.81 -6.34 -9.26
CA VAL A 509 14.08 -7.07 -9.23
C VAL A 509 14.80 -7.10 -10.56
N LYS A 510 14.11 -6.90 -11.69
CA LYS A 510 14.75 -6.75 -13.00
C LYS A 510 15.73 -5.59 -13.07
N ASN A 511 15.66 -4.60 -12.17
CA ASN A 511 16.52 -3.45 -12.12
C ASN A 511 17.73 -3.63 -11.23
N LEU A 512 17.84 -4.72 -10.48
CA LEU A 512 18.98 -4.90 -9.58
C LEU A 512 20.06 -5.81 -10.16
N TYR A 513 21.23 -5.85 -9.52
CA TYR A 513 22.33 -6.69 -9.97
C TYR A 513 23.25 -7.04 -8.79
N ILE A 514 24.00 -8.14 -8.87
CA ILE A 514 24.90 -8.51 -7.78
C ILE A 514 26.35 -8.23 -8.17
N ILE A 515 27.01 -7.39 -7.38
CA ILE A 515 28.42 -7.02 -7.65
C ILE A 515 29.32 -8.15 -7.16
N LYS A 516 30.39 -8.47 -7.89
CA LYS A 516 31.28 -9.54 -7.49
C LYS A 516 31.83 -9.27 -6.08
N HIS A 517 31.84 -10.31 -5.25
CA HIS A 517 32.34 -10.19 -3.88
C HIS A 517 32.73 -11.57 -3.37
#